data_3HG7
#
_entry.id   3HG7
#
_cell.length_a   117.055
_cell.length_b   117.055
_cell.length_c   64.336
_cell.angle_alpha   90.000
_cell.angle_beta   90.000
_cell.angle_gamma   90.000
#
_symmetry.space_group_name_H-M   'P 43 21 2'
#
loop_
_entity.id
_entity.type
_entity.pdbx_description
1 polymer 'D-isomer specific 2-hydroxyacid dehydrogenase family protein'
2 non-polymer GLYCEROL
3 water water
#
_entity_poly.entity_id   1
_entity_poly.type   'polypeptide(L)'
_entity_poly.pdbx_seq_one_letter_code
;MSLSQRTLLLLSQDNAHYERLLKAAHLPHLRILRADNQSDAEKLIGEAHILMAEPARAKPLLAKANKLSWFQSTYAGVDV
LLDARCRRDYQLTNVRGIFGPLMSEYVFGHLLSLMRQLPLYREQQKQRLWQSHPYQGLKGRTLLILGTGSIGQHIAHTGK
HFGMKVLGVSRSGRERAGFDQVYQLPALNKMLAQADVIVSVLPATRETHHLFTASRFEHCKPGAILFNVGRGNAINEGDL
LTALRTGKLGMAVLDVFEQEPLPADSPLWGQPNLIITPHNSAYSFPDDVAQIFVRNYIRFIDGQPLDGKIDFDKGYEGHH
HHHH
;
_entity_poly.pdbx_strand_id   A
#
loop_
_chem_comp.id
_chem_comp.type
_chem_comp.name
_chem_comp.formula
GOL non-polymer GLYCEROL 'C3 H8 O3'
#
# COMPACT_ATOMS: atom_id res chain seq x y z
N SER A 4 -2.65 -1.51 -35.67
CA SER A 4 -1.42 -2.39 -35.52
C SER A 4 -1.66 -3.70 -34.72
N GLN A 5 -2.68 -4.47 -35.15
CA GLN A 5 -3.25 -5.73 -34.54
C GLN A 5 -4.01 -5.65 -33.21
N ARG A 6 -3.32 -5.46 -32.08
CA ARG A 6 -3.99 -5.00 -30.88
C ARG A 6 -3.58 -3.58 -30.58
N THR A 7 -4.41 -2.90 -29.80
CA THR A 7 -4.15 -1.53 -29.35
C THR A 7 -4.10 -1.47 -27.83
N LEU A 8 -3.05 -0.87 -27.30
CA LEU A 8 -2.90 -0.59 -25.88
C LEU A 8 -3.16 0.91 -25.71
N LEU A 9 -3.99 1.27 -24.72
CA LEU A 9 -4.15 2.68 -24.36
C LEU A 9 -3.51 2.93 -23.00
N LEU A 10 -2.66 3.98 -22.91
CA LEU A 10 -1.99 4.38 -21.66
C LEU A 10 -2.78 5.55 -21.08
N LEU A 11 -3.31 5.36 -19.87
CA LEU A 11 -4.13 6.34 -19.17
C LEU A 11 -3.59 6.46 -17.72
N SER A 12 -2.33 6.87 -17.64
CA SER A 12 -1.59 6.99 -16.37
C SER A 12 -0.93 8.36 -16.20
N GLN A 13 -0.79 8.79 -14.93
CA GLN A 13 -0.06 10.03 -14.67
C GLN A 13 1.40 9.85 -15.08
N ASP A 14 1.84 8.58 -15.18
CA ASP A 14 3.17 8.26 -15.66
C ASP A 14 3.26 7.89 -17.14
N ASN A 15 2.28 8.30 -17.94
CA ASN A 15 2.24 8.01 -19.37
C ASN A 15 3.56 8.19 -20.12
N ALA A 16 4.24 9.32 -19.88
CA ALA A 16 5.44 9.61 -20.64
C ALA A 16 6.50 8.52 -20.38
N HIS A 17 6.64 8.14 -19.11
CA HIS A 17 7.59 7.09 -18.70
C HIS A 17 7.12 5.75 -19.28
N TYR A 18 5.84 5.41 -19.10
CA TYR A 18 5.35 4.13 -19.69
C TYR A 18 5.54 4.03 -21.19
N GLU A 19 5.26 5.12 -21.90
CA GLU A 19 5.39 5.11 -23.37
C GLU A 19 6.83 4.85 -23.81
N ARG A 20 7.77 5.52 -23.13
CA ARG A 20 9.19 5.32 -23.40
CA ARG A 20 9.20 5.34 -23.34
C ARG A 20 9.57 3.86 -23.14
N LEU A 21 9.18 3.33 -21.99
CA LEU A 21 9.56 1.97 -21.60
C LEU A 21 8.97 0.91 -22.53
N LEU A 22 7.70 1.07 -22.83
CA LEU A 22 6.99 0.15 -23.73
C LEU A 22 7.45 0.20 -25.19
N LYS A 23 7.85 1.39 -25.65
CA LYS A 23 8.44 1.54 -26.98
C LYS A 23 9.83 0.89 -27.05
N ALA A 24 10.52 0.84 -25.91
CA ALA A 24 11.83 0.21 -25.84
C ALA A 24 11.69 -1.32 -25.88
N ALA A 25 10.56 -1.82 -25.35
CA ALA A 25 10.31 -3.27 -25.24
C ALA A 25 10.04 -3.95 -26.58
N HIS A 26 9.76 -3.15 -27.60
CA HIS A 26 9.51 -3.64 -28.96
CA HIS A 26 9.49 -3.62 -28.95
C HIS A 26 8.59 -4.86 -28.95
N LEU A 27 7.30 -4.61 -28.72
CA LEU A 27 6.26 -5.63 -28.69
C LEU A 27 5.62 -5.60 -30.05
N PRO A 28 5.69 -6.72 -30.78
CA PRO A 28 5.15 -6.72 -32.13
C PRO A 28 3.62 -6.74 -32.13
N HIS A 29 3.01 -6.23 -33.19
CA HIS A 29 1.57 -6.27 -33.35
C HIS A 29 0.84 -5.55 -32.21
N LEU A 30 1.46 -4.50 -31.66
CA LEU A 30 0.79 -3.71 -30.62
C LEU A 30 0.90 -2.23 -30.88
N ARG A 31 -0.22 -1.59 -31.19
CA ARG A 31 -0.25 -0.11 -31.33
C ARG A 31 -0.39 0.49 -29.92
N ILE A 32 0.49 1.43 -29.58
CA ILE A 32 0.51 2.04 -28.24
C ILE A 32 -0.01 3.46 -28.35
N LEU A 33 -1.13 3.71 -27.70
CA LEU A 33 -1.78 5.01 -27.78
C LEU A 33 -1.70 5.58 -26.41
N ARG A 34 -1.80 6.92 -26.33
CA ARG A 34 -1.64 7.56 -25.06
C ARG A 34 -2.71 8.63 -24.91
N ALA A 35 -3.31 8.74 -23.73
CA ALA A 35 -4.18 9.91 -23.46
C ALA A 35 -3.86 10.52 -22.12
N ASP A 36 -3.41 11.79 -22.12
CA ASP A 36 -2.99 12.49 -20.90
C ASP A 36 -4.10 13.21 -20.14
N ASN A 37 -5.29 13.25 -20.74
CA ASN A 37 -6.49 13.70 -20.05
C ASN A 37 -7.72 12.86 -20.41
N GLN A 38 -8.84 13.13 -19.73
CA GLN A 38 -10.03 12.32 -19.95
C GLN A 38 -10.65 12.58 -21.30
N SER A 39 -10.64 13.83 -21.75
CA SER A 39 -11.18 14.21 -23.03
C SER A 39 -10.55 13.45 -24.21
N ASP A 40 -9.21 13.40 -24.24
CA ASP A 40 -8.51 12.63 -25.29
C ASP A 40 -8.80 11.15 -25.15
N ALA A 41 -8.95 10.66 -23.93
CA ALA A 41 -9.25 9.25 -23.72
C ALA A 41 -10.63 8.85 -24.25
N GLU A 42 -11.60 9.77 -24.16
CA GLU A 42 -12.96 9.53 -24.67
C GLU A 42 -12.98 9.03 -26.08
N LYS A 43 -12.11 9.61 -26.90
CA LYS A 43 -12.04 9.31 -28.30
C LYS A 43 -11.34 8.00 -28.58
N LEU A 44 -10.55 7.53 -27.63
CA LEU A 44 -9.64 6.42 -27.91
C LEU A 44 -9.97 5.12 -27.21
N ILE A 45 -10.70 5.17 -26.11
CA ILE A 45 -10.79 3.98 -25.26
C ILE A 45 -11.59 2.85 -25.93
N GLY A 46 -12.57 3.23 -26.76
CA GLY A 46 -13.33 2.22 -27.48
C GLY A 46 -12.48 1.38 -28.42
N GLU A 47 -11.32 1.91 -28.78
CA GLU A 47 -10.37 1.20 -29.63
C GLU A 47 -9.36 0.29 -28.92
N ALA A 48 -9.32 0.34 -27.60
CA ALA A 48 -8.26 -0.35 -26.83
C ALA A 48 -8.65 -1.79 -26.51
N HIS A 49 -7.84 -2.72 -26.98
CA HIS A 49 -7.90 -4.09 -26.46
C HIS A 49 -7.24 -4.24 -25.10
N ILE A 50 -6.21 -3.44 -24.83
CA ILE A 50 -5.47 -3.53 -23.57
C ILE A 50 -5.45 -2.15 -22.99
N LEU A 51 -5.59 -2.04 -21.67
CA LEU A 51 -5.50 -0.72 -21.04
C LEU A 51 -4.48 -0.79 -19.87
N MET A 52 -3.61 0.22 -19.75
CA MET A 52 -2.80 0.35 -18.52
C MET A 52 -3.08 1.73 -17.94
N ALA A 53 -3.55 1.77 -16.69
CA ALA A 53 -4.12 3.01 -16.14
C ALA A 53 -4.21 2.94 -14.65
N GLU A 54 -4.39 4.11 -14.02
CA GLU A 54 -4.79 4.12 -12.61
C GLU A 54 -6.28 3.83 -12.65
N PRO A 55 -6.76 3.00 -11.71
CA PRO A 55 -8.22 2.72 -11.64
C PRO A 55 -9.13 3.94 -11.68
N ALA A 56 -8.83 4.97 -10.88
CA ALA A 56 -9.68 6.19 -10.91
C ALA A 56 -9.72 6.87 -12.26
N ARG A 57 -8.66 6.76 -13.05
CA ARG A 57 -8.75 7.36 -14.36
CA ARG A 57 -8.66 7.35 -14.39
C ARG A 57 -9.53 6.57 -15.37
N ALA A 58 -9.45 5.26 -15.26
CA ALA A 58 -10.19 4.40 -16.20
C ALA A 58 -11.68 4.37 -15.89
N LYS A 59 -12.03 4.42 -14.61
CA LYS A 59 -13.41 4.18 -14.17
C LYS A 59 -14.53 4.93 -14.91
N PRO A 60 -14.38 6.27 -15.13
CA PRO A 60 -15.39 7.03 -15.90
C PRO A 60 -15.43 6.71 -17.40
N LEU A 61 -14.41 6.03 -17.90
CA LEU A 61 -14.33 5.72 -19.33
C LEU A 61 -14.72 4.26 -19.61
N LEU A 62 -14.84 3.45 -18.56
CA LEU A 62 -14.94 1.99 -18.75
C LEU A 62 -16.15 1.53 -19.55
N ALA A 63 -17.30 2.19 -19.38
CA ALA A 63 -18.49 1.80 -20.17
C ALA A 63 -18.28 1.93 -21.66
N LYS A 64 -17.32 2.76 -22.09
CA LYS A 64 -16.98 2.92 -23.53
C LYS A 64 -15.93 1.92 -24.06
N ALA A 65 -15.34 1.16 -23.13
CA ALA A 65 -14.22 0.26 -23.42
C ALA A 65 -14.74 -1.07 -23.99
N ASN A 66 -15.42 -0.98 -25.13
CA ASN A 66 -16.13 -2.15 -25.67
C ASN A 66 -15.30 -3.15 -26.48
N LYS A 67 -14.00 -2.87 -26.60
CA LYS A 67 -13.05 -3.84 -27.15
C LYS A 67 -12.10 -4.35 -26.07
N LEU A 68 -12.30 -3.91 -24.84
CA LEU A 68 -11.33 -4.20 -23.79
C LEU A 68 -11.35 -5.67 -23.33
N SER A 69 -10.17 -6.29 -23.37
CA SER A 69 -9.91 -7.67 -22.99
C SER A 69 -9.11 -7.79 -21.70
N TRP A 70 -8.14 -6.89 -21.54
CA TRP A 70 -7.23 -6.89 -20.39
C TRP A 70 -6.81 -5.47 -19.95
N PHE A 71 -7.04 -5.21 -18.66
CA PHE A 71 -6.70 -3.92 -18.01
C PHE A 71 -5.67 -4.24 -16.94
N GLN A 72 -4.46 -3.72 -17.14
CA GLN A 72 -3.41 -3.76 -16.13
C GLN A 72 -3.48 -2.46 -15.33
N SER A 73 -3.92 -2.57 -14.08
CA SER A 73 -3.87 -1.43 -13.13
C SER A 73 -2.42 -1.12 -12.73
N THR A 74 -2.11 0.17 -12.56
CA THR A 74 -0.76 0.56 -12.14
C THR A 74 -0.70 0.60 -10.64
N TYR A 75 -1.84 0.38 -10.01
CA TYR A 75 -1.92 0.42 -8.54
C TYR A 75 -2.28 -0.94 -8.00
N ALA A 76 -1.86 -1.18 -6.76
CA ALA A 76 -2.29 -2.39 -6.09
C ALA A 76 -3.79 -2.34 -5.80
N GLY A 77 -4.30 -1.17 -5.41
CA GLY A 77 -5.70 -1.07 -5.00
C GLY A 77 -6.62 -0.86 -6.20
N VAL A 78 -7.66 -1.69 -6.32
CA VAL A 78 -8.55 -1.64 -7.50
C VAL A 78 -9.99 -1.61 -7.05
N ASP A 79 -10.23 -1.34 -5.76
CA ASP A 79 -11.59 -1.41 -5.24
C ASP A 79 -12.62 -0.61 -5.98
N VAL A 80 -12.23 0.51 -6.56
CA VAL A 80 -13.21 1.32 -7.28
C VAL A 80 -13.75 0.60 -8.52
N LEU A 81 -13.04 -0.43 -8.97
CA LEU A 81 -13.44 -1.22 -10.15
C LEU A 81 -14.30 -2.44 -9.83
N LEU A 82 -14.51 -2.70 -8.53
CA LEU A 82 -15.34 -3.81 -8.08
C LEU A 82 -16.78 -3.34 -7.85
N ASP A 83 -17.01 -2.06 -8.05
CA ASP A 83 -18.33 -1.46 -8.00
C ASP A 83 -19.28 -2.28 -8.87
N ALA A 84 -20.43 -2.63 -8.30
CA ALA A 84 -21.44 -3.44 -8.97
C ALA A 84 -21.96 -2.79 -10.25
N ARG A 85 -21.83 -1.46 -10.34
CA ARG A 85 -22.24 -0.70 -11.53
C ARG A 85 -21.29 -0.88 -12.71
N CYS A 86 -20.06 -1.33 -12.45
CA CYS A 86 -19.04 -1.48 -13.50
C CYS A 86 -19.09 -2.84 -14.19
N ARG A 87 -18.69 -2.82 -15.46
CA ARG A 87 -18.56 -4.01 -16.28
C ARG A 87 -17.52 -4.98 -15.72
N ARG A 88 -17.72 -6.25 -16.04
CA ARG A 88 -16.81 -7.30 -15.60
C ARG A 88 -16.38 -8.22 -16.72
N ASP A 89 -16.54 -7.76 -17.97
CA ASP A 89 -16.33 -8.62 -19.14
C ASP A 89 -14.92 -8.45 -19.73
N TYR A 90 -13.94 -8.39 -18.84
CA TYR A 90 -12.52 -8.26 -19.17
C TYR A 90 -11.67 -8.80 -18.01
N GLN A 91 -10.37 -8.98 -18.26
CA GLN A 91 -9.46 -9.45 -17.23
C GLN A 91 -8.83 -8.24 -16.58
N LEU A 92 -9.00 -8.12 -15.27
CA LEU A 92 -8.30 -7.06 -14.52
C LEU A 92 -7.11 -7.66 -13.76
N THR A 93 -5.93 -7.05 -13.89
CA THR A 93 -4.79 -7.39 -13.02
C THR A 93 -4.30 -6.17 -12.27
N ASN A 94 -3.76 -6.38 -11.07
CA ASN A 94 -3.19 -5.27 -10.35
C ASN A 94 -1.70 -5.45 -10.28
N VAL A 95 -1.04 -4.67 -9.42
CA VAL A 95 0.40 -4.71 -9.23
C VAL A 95 0.66 -5.36 -7.87
N ARG A 96 1.42 -6.46 -7.86
CA ARG A 96 1.82 -7.06 -6.60
C ARG A 96 3.28 -7.50 -6.56
N GLY A 97 3.82 -7.69 -5.35
CA GLY A 97 5.13 -8.26 -5.22
C GLY A 97 6.33 -7.34 -5.37
N ILE A 98 6.09 -6.04 -5.62
CA ILE A 98 7.21 -5.14 -5.86
C ILE A 98 7.35 -4.07 -4.76
N PHE A 99 6.62 -4.22 -3.65
CA PHE A 99 6.54 -3.14 -2.66
C PHE A 99 7.25 -3.44 -1.36
N GLY A 100 7.84 -4.62 -1.23
CA GLY A 100 8.58 -4.99 0.01
C GLY A 100 9.65 -4.00 0.46
N PRO A 101 10.69 -3.81 -0.35
CA PRO A 101 11.74 -2.86 0.01
C PRO A 101 11.26 -1.44 0.28
N LEU A 102 10.26 -0.96 -0.48
CA LEU A 102 9.77 0.39 -0.31
C LEU A 102 9.03 0.51 1.00
N MET A 103 8.28 -0.52 1.36
CA MET A 103 7.61 -0.50 2.66
C MET A 103 8.58 -0.61 3.83
N SER A 104 9.63 -1.43 3.73
CA SER A 104 10.71 -1.42 4.78
C SER A 104 11.32 -0.02 5.00
N GLU A 105 11.61 0.68 3.91
CA GLU A 105 12.17 2.03 3.95
C GLU A 105 11.24 3.02 4.66
N TYR A 106 9.95 2.95 4.34
CA TYR A 106 8.95 3.84 4.92
C TYR A 106 8.80 3.56 6.40
N VAL A 107 8.65 2.27 6.73
CA VAL A 107 8.34 1.90 8.07
C VAL A 107 9.56 2.22 8.95
N PHE A 108 10.75 1.82 8.51
CA PHE A 108 11.95 2.04 9.35
C PHE A 108 12.45 3.49 9.33
N GLY A 109 12.24 4.23 8.23
CA GLY A 109 12.52 5.66 8.24
C GLY A 109 11.65 6.37 9.29
N HIS A 110 10.36 6.05 9.29
CA HIS A 110 9.45 6.67 10.24
C HIS A 110 9.76 6.20 11.66
N LEU A 111 10.07 4.92 11.78
CA LEU A 111 10.33 4.35 13.07
C LEU A 111 11.60 4.97 13.68
N LEU A 112 12.66 5.06 12.88
CA LEU A 112 13.91 5.60 13.43
C LEU A 112 13.75 7.10 13.61
N SER A 113 12.96 7.78 12.75
CA SER A 113 12.69 9.19 12.99
C SER A 113 12.13 9.43 14.40
N LEU A 114 11.17 8.60 14.77
CA LEU A 114 10.54 8.65 16.09
C LEU A 114 11.48 8.27 17.22
N MET A 115 12.10 7.11 17.07
CA MET A 115 13.03 6.60 18.10
C MET A 115 14.19 7.55 18.43
N ARG A 116 14.72 8.25 17.43
CA ARG A 116 15.87 9.10 17.58
C ARG A 116 15.49 10.56 17.71
N GLN A 117 14.18 10.79 17.72
CA GLN A 117 13.62 12.11 17.90
C GLN A 117 14.13 13.15 16.91
N LEU A 118 14.16 12.80 15.62
CA LEU A 118 14.69 13.75 14.63
C LEU A 118 13.95 15.07 14.60
N PRO A 119 12.61 15.04 14.68
CA PRO A 119 11.90 16.32 14.62
C PRO A 119 12.26 17.24 15.80
N LEU A 120 12.49 16.66 16.96
CA LEU A 120 12.90 17.46 18.11
C LEU A 120 14.23 18.13 17.82
N TYR A 121 15.17 17.37 17.25
CA TYR A 121 16.49 17.91 16.97
C TYR A 121 16.47 18.98 15.91
N ARG A 122 15.58 18.82 14.92
CA ARG A 122 15.37 19.83 13.90
C ARG A 122 14.87 21.15 14.55
N GLU A 123 13.90 21.03 15.48
CA GLU A 123 13.37 22.19 16.20
C GLU A 123 14.44 22.80 17.11
N GLN A 124 15.26 21.98 17.77
CA GLN A 124 16.36 22.55 18.56
C GLN A 124 17.38 23.31 17.70
N GLN A 125 17.55 22.83 16.47
CA GLN A 125 18.52 23.43 15.57
C GLN A 125 18.05 24.82 15.18
N LYS A 126 16.74 24.95 14.95
CA LYS A 126 16.11 26.24 14.63
C LYS A 126 16.32 27.28 15.71
N GLN A 127 16.49 26.82 16.96
CA GLN A 127 16.72 27.75 18.07
C GLN A 127 18.16 27.74 18.56
N ARG A 128 19.06 27.12 17.79
CA ARG A 128 20.49 27.04 18.11
C ARG A 128 20.74 26.48 19.52
N LEU A 129 20.02 25.43 19.86
CA LEU A 129 20.09 24.80 21.17
C LEU A 129 20.79 23.44 21.01
N TRP A 130 21.93 23.28 21.66
CA TRP A 130 22.64 22.01 21.74
C TRP A 130 22.17 21.26 22.99
N GLN A 131 21.41 20.20 22.80
CA GLN A 131 20.95 19.41 23.98
C GLN A 131 20.53 18.01 23.59
N SER A 132 21.23 17.03 24.14
CA SER A 132 20.90 15.64 23.88
C SER A 132 19.83 15.18 24.85
N HIS A 133 19.02 14.22 24.43
CA HIS A 133 17.96 13.58 25.23
C HIS A 133 18.10 12.06 25.20
N PRO A 134 17.51 11.37 26.18
CA PRO A 134 17.59 9.90 26.18
C PRO A 134 16.92 9.28 24.95
N TYR A 135 17.46 8.16 24.52
CA TYR A 135 16.82 7.35 23.51
C TYR A 135 17.23 5.90 23.73
N GLN A 136 16.58 5.00 23.01
CA GLN A 136 16.94 3.58 23.04
C GLN A 136 17.23 3.06 21.63
N GLY A 137 17.97 1.95 21.56
CA GLY A 137 18.16 1.30 20.26
C GLY A 137 17.01 0.38 19.95
N LEU A 138 16.97 -0.12 18.70
CA LEU A 138 16.01 -1.13 18.32
C LEU A 138 16.35 -2.55 18.80
N LYS A 139 17.60 -2.78 19.22
CA LYS A 139 18.02 -4.13 19.61
C LYS A 139 17.07 -4.73 20.63
N GLY A 140 16.53 -5.89 20.30
CA GLY A 140 15.74 -6.65 21.26
C GLY A 140 14.29 -6.22 21.43
N ARG A 141 13.88 -5.18 20.72
CA ARG A 141 12.49 -4.75 20.76
C ARG A 141 11.66 -5.66 19.85
N THR A 142 10.34 -5.70 20.08
CA THR A 142 9.46 -6.63 19.36
C THR A 142 8.64 -5.94 18.28
N LEU A 143 8.80 -6.43 17.06
CA LEU A 143 8.03 -5.97 15.92
C LEU A 143 6.90 -6.96 15.73
N LEU A 144 5.65 -6.50 15.79
CA LEU A 144 4.49 -7.28 15.34
C LEU A 144 4.01 -6.81 13.97
N ILE A 145 3.89 -7.73 13.02
CA ILE A 145 3.40 -7.41 11.68
C ILE A 145 2.12 -8.21 11.40
N LEU A 146 1.07 -7.49 10.99
CA LEU A 146 -0.18 -8.09 10.53
C LEU A 146 -0.16 -8.13 9.02
N GLY A 147 -0.04 -9.35 8.50
CA GLY A 147 0.08 -9.56 7.06
C GLY A 147 1.42 -10.18 6.79
N THR A 148 1.41 -11.32 6.12
CA THR A 148 2.60 -12.14 5.98
C THR A 148 3.03 -12.36 4.54
N GLY A 149 2.50 -11.54 3.64
CA GLY A 149 2.81 -11.64 2.23
C GLY A 149 4.20 -11.10 1.97
N SER A 150 4.47 -10.70 0.73
CA SER A 150 5.79 -10.23 0.40
C SER A 150 6.12 -8.93 1.13
N ILE A 151 5.09 -8.11 1.39
CA ILE A 151 5.30 -6.85 2.12
C ILE A 151 5.67 -7.14 3.58
N GLY A 152 4.84 -7.96 4.25
CA GLY A 152 5.10 -8.35 5.65
C GLY A 152 6.45 -8.98 5.83
N GLN A 153 6.78 -9.91 4.93
CA GLN A 153 8.07 -10.59 4.95
C GLN A 153 9.25 -9.62 4.81
N HIS A 154 9.17 -8.66 3.90
CA HIS A 154 10.33 -7.77 3.76
C HIS A 154 10.55 -6.92 5.02
N ILE A 155 9.46 -6.40 5.59
CA ILE A 155 9.53 -5.60 6.82
C ILE A 155 10.06 -6.48 7.93
N ALA A 156 9.73 -7.77 7.86
CA ALA A 156 10.24 -8.75 8.83
C ALA A 156 11.76 -8.90 8.76
N HIS A 157 12.29 -9.12 7.56
CA HIS A 157 13.75 -9.24 7.41
C HIS A 157 14.48 -7.99 7.89
N THR A 158 13.89 -6.81 7.62
CA THR A 158 14.47 -5.56 8.09
C THR A 158 14.46 -5.45 9.61
N GLY A 159 13.35 -5.84 10.26
CA GLY A 159 13.35 -5.84 11.73
C GLY A 159 14.41 -6.77 12.32
N LYS A 160 14.50 -7.98 11.79
CA LYS A 160 15.50 -8.94 12.22
C LYS A 160 16.91 -8.38 12.01
N HIS A 161 17.13 -7.71 10.89
CA HIS A 161 18.38 -7.01 10.61
C HIS A 161 18.70 -6.01 11.72
N PHE A 162 17.67 -5.33 12.21
CA PHE A 162 17.87 -4.35 13.30
C PHE A 162 17.83 -4.98 14.70
N GLY A 163 17.82 -6.31 14.72
CA GLY A 163 18.01 -7.04 15.98
C GLY A 163 16.73 -7.09 16.78
N MET A 164 15.62 -6.81 16.10
CA MET A 164 14.28 -6.93 16.69
C MET A 164 13.81 -8.38 16.71
N LYS A 165 12.94 -8.71 17.67
CA LYS A 165 12.14 -9.91 17.62
C LYS A 165 11.03 -9.62 16.62
N VAL A 166 10.69 -10.61 15.80
CA VAL A 166 9.65 -10.41 14.77
C VAL A 166 8.56 -11.48 14.83
N LEU A 167 7.35 -11.02 15.17
CA LEU A 167 6.19 -11.88 15.24
C LEU A 167 5.21 -11.49 14.15
N GLY A 168 4.60 -12.48 13.53
CA GLY A 168 3.63 -12.22 12.46
C GLY A 168 2.25 -12.73 12.82
N VAL A 169 1.25 -12.12 12.20
CA VAL A 169 -0.16 -12.50 12.36
C VAL A 169 -0.79 -12.67 10.98
N SER A 170 -1.69 -13.64 10.85
CA SER A 170 -2.02 -14.24 9.56
C SER A 170 -3.36 -14.98 9.41
N ARG A 171 -3.50 -16.10 10.13
CA ARG A 171 -4.36 -17.26 9.72
C ARG A 171 -5.21 -17.14 8.48
N SER A 172 -4.76 -17.59 7.30
CA SER A 172 -3.36 -17.92 6.88
C SER A 172 -2.45 -18.93 7.62
N GLY A 173 -2.04 -18.63 8.85
CA GLY A 173 -1.29 -19.58 9.67
C GLY A 173 0.22 -19.69 9.47
N ARG A 174 0.60 -20.11 8.27
CA ARG A 174 1.94 -20.59 7.93
C ARG A 174 3.10 -19.77 8.50
N GLU A 175 4.13 -20.48 8.97
CA GLU A 175 5.44 -19.87 9.25
C GLU A 175 6.04 -19.36 7.93
N ARG A 176 6.36 -18.07 7.87
CA ARG A 176 6.99 -17.49 6.69
C ARG A 176 8.38 -16.93 6.99
N ALA A 177 9.18 -16.76 5.93
CA ALA A 177 10.57 -16.29 6.09
C ALA A 177 10.63 -14.90 6.72
N GLY A 178 11.56 -14.71 7.64
CA GLY A 178 11.74 -13.41 8.29
C GLY A 178 11.02 -13.30 9.62
N PHE A 179 9.94 -14.05 9.81
CA PHE A 179 9.22 -14.08 11.08
C PHE A 179 9.78 -15.15 12.05
N ASP A 180 10.07 -14.75 13.28
CA ASP A 180 10.40 -15.69 14.35
C ASP A 180 9.30 -16.71 14.60
N GLN A 181 8.07 -16.21 14.60
CA GLN A 181 6.89 -17.02 14.82
C GLN A 181 5.73 -16.32 14.11
N VAL A 182 4.84 -17.11 13.54
CA VAL A 182 3.61 -16.59 12.98
C VAL A 182 2.40 -17.13 13.73
N TYR A 183 1.55 -16.21 14.17
CA TYR A 183 0.36 -16.54 14.92
C TYR A 183 -0.86 -16.15 14.13
N GLN A 184 -2.02 -16.33 14.74
CA GLN A 184 -3.28 -16.14 14.05
C GLN A 184 -4.18 -15.23 14.86
N LEU A 185 -5.24 -14.69 14.23
CA LEU A 185 -6.03 -13.60 14.83
C LEU A 185 -6.36 -13.77 16.31
N PRO A 186 -6.81 -14.98 16.73
CA PRO A 186 -7.06 -15.16 18.15
C PRO A 186 -5.91 -14.71 19.07
N ALA A 187 -4.66 -14.95 18.65
CA ALA A 187 -3.49 -14.59 19.46
C ALA A 187 -3.15 -13.10 19.45
N LEU A 188 -3.94 -12.30 18.74
CA LEU A 188 -3.60 -10.89 18.53
C LEU A 188 -3.38 -10.09 19.82
N ASN A 189 -4.34 -10.11 20.74
CA ASN A 189 -4.22 -9.34 21.99
C ASN A 189 -3.01 -9.75 22.83
N LYS A 190 -2.77 -11.07 22.87
CA LYS A 190 -1.58 -11.61 23.52
C LYS A 190 -0.30 -11.12 22.83
N MET A 191 -0.31 -11.11 21.51
CA MET A 191 0.81 -10.60 20.71
C MET A 191 1.01 -9.08 20.81
N LEU A 192 -0.10 -8.33 20.87
CA LEU A 192 -0.05 -6.87 20.99
C LEU A 192 0.57 -6.43 22.29
N ALA A 193 0.30 -7.21 23.34
CA ALA A 193 0.73 -6.88 24.68
C ALA A 193 2.24 -6.80 24.75
N GLN A 194 2.93 -7.56 23.90
CA GLN A 194 4.40 -7.56 23.91
C GLN A 194 5.02 -6.82 22.70
N ALA A 195 4.19 -6.06 21.98
CA ALA A 195 4.61 -5.35 20.77
C ALA A 195 5.07 -3.91 21.02
N ASP A 196 6.30 -3.60 20.61
CA ASP A 196 6.80 -2.22 20.73
C ASP A 196 6.38 -1.42 19.50
N VAL A 197 6.41 -2.11 18.36
CA VAL A 197 6.04 -1.53 17.08
C VAL A 197 5.04 -2.49 16.47
N ILE A 198 3.95 -1.95 15.92
CA ILE A 198 2.93 -2.74 15.25
C ILE A 198 2.77 -2.24 13.83
N VAL A 199 2.83 -3.16 12.86
CA VAL A 199 2.65 -2.77 11.46
C VAL A 199 1.45 -3.54 10.89
N SER A 200 0.36 -2.81 10.65
CA SER A 200 -0.82 -3.33 9.98
C SER A 200 -0.76 -3.20 8.45
N VAL A 201 -0.71 -4.34 7.77
CA VAL A 201 -0.66 -4.35 6.31
C VAL A 201 -1.73 -5.30 5.82
N LEU A 202 -2.95 -5.15 6.32
CA LEU A 202 -3.98 -6.17 6.10
C LEU A 202 -4.86 -5.84 4.90
N PRO A 203 -5.25 -6.87 4.12
CA PRO A 203 -6.32 -6.68 3.14
C PRO A 203 -7.62 -6.35 3.89
N ALA A 204 -8.49 -5.56 3.27
CA ALA A 204 -9.76 -5.17 3.92
C ALA A 204 -10.84 -6.25 3.74
N THR A 205 -10.89 -7.16 4.72
CA THR A 205 -11.90 -8.21 4.80
C THR A 205 -12.94 -7.75 5.82
N ARG A 206 -14.09 -8.41 5.88
CA ARG A 206 -15.07 -8.14 6.95
C ARG A 206 -14.47 -8.43 8.34
N GLU A 207 -13.55 -9.39 8.40
CA GLU A 207 -12.91 -9.79 9.65
C GLU A 207 -11.82 -8.81 10.10
N THR A 208 -11.26 -8.07 9.15
CA THR A 208 -10.25 -7.03 9.44
C THR A 208 -10.89 -5.65 9.56
N HIS A 209 -12.21 -5.56 9.37
CA HIS A 209 -12.90 -4.29 9.49
C HIS A 209 -12.87 -3.83 10.94
N HIS A 210 -12.18 -2.71 11.16
CA HIS A 210 -12.01 -2.13 12.49
C HIS A 210 -11.35 -3.09 13.49
N LEU A 211 -10.32 -3.80 13.03
CA LEU A 211 -9.47 -4.60 13.92
C LEU A 211 -9.04 -3.75 15.10
N PHE A 212 -8.46 -2.60 14.78
CA PHE A 212 -8.02 -1.66 15.78
C PHE A 212 -9.22 -0.88 16.20
N THR A 213 -9.91 -1.56 17.10
CA THR A 213 -11.25 -1.27 17.43
C THR A 213 -11.18 -0.20 18.48
N ALA A 214 -12.16 0.69 18.41
CA ALA A 214 -12.44 1.61 19.47
C ALA A 214 -11.45 1.51 20.63
N SER A 215 -11.66 0.52 21.49
CA SER A 215 -10.96 0.57 22.74
C SER A 215 -10.37 -0.77 23.13
N ARG A 216 -11.21 -1.79 23.19
CA ARG A 216 -10.79 -3.12 23.65
C ARG A 216 -9.35 -3.38 23.20
N PHE A 217 -9.13 -3.21 21.90
CA PHE A 217 -7.83 -3.41 21.27
C PHE A 217 -6.78 -2.43 21.74
N GLU A 218 -7.12 -1.14 21.69
CA GLU A 218 -6.18 -0.07 22.01
C GLU A 218 -5.64 -0.23 23.42
N HIS A 219 -6.36 -0.98 24.26
CA HIS A 219 -5.84 -1.41 25.53
C HIS A 219 -4.66 -2.35 25.27
N CYS A 220 -3.59 -1.76 24.72
CA CYS A 220 -2.34 -2.48 24.48
C CYS A 220 -1.06 -1.65 24.24
N LYS A 221 -0.55 -1.08 25.32
CA LYS A 221 0.86 -0.67 25.52
C LYS A 221 1.14 0.82 25.37
N PRO A 222 1.65 1.45 26.44
CA PRO A 222 1.84 2.89 26.58
C PRO A 222 2.69 3.54 25.48
N GLY A 223 3.77 2.89 25.07
CA GLY A 223 4.75 3.50 24.18
C GLY A 223 4.84 2.82 22.82
N ALA A 224 3.82 2.05 22.47
CA ALA A 224 3.80 1.33 21.21
C ALA A 224 3.57 2.30 20.06
N ILE A 225 4.12 1.94 18.92
CA ILE A 225 3.99 2.75 17.72
C ILE A 225 3.22 1.86 16.78
N LEU A 226 2.10 2.36 16.28
CA LEU A 226 1.28 1.64 15.32
C LEU A 226 1.35 2.24 13.94
N PHE A 227 1.70 1.43 12.93
CA PHE A 227 1.65 1.84 11.50
C PHE A 227 0.45 1.21 10.83
N ASN A 228 -0.26 2.01 10.04
CA ASN A 228 -1.23 1.42 9.14
C ASN A 228 -0.93 1.81 7.71
N VAL A 229 -0.53 0.81 6.94
CA VAL A 229 -0.19 1.01 5.54
C VAL A 229 -1.03 0.09 4.61
N GLY A 230 -2.00 -0.63 5.18
CA GLY A 230 -2.91 -1.48 4.39
C GLY A 230 -4.08 -0.70 3.81
N ARG A 231 -5.20 -0.65 4.54
CA ARG A 231 -6.33 0.20 4.12
C ARG A 231 -6.86 0.92 5.34
N GLY A 232 -7.42 2.10 5.14
CA GLY A 232 -7.98 2.89 6.24
C GLY A 232 -8.88 2.08 7.15
N ASN A 233 -9.52 1.06 6.55
CA ASN A 233 -10.49 0.19 7.20
C ASN A 233 -10.09 -0.59 8.44
N ALA A 234 -8.79 -0.82 8.60
CA ALA A 234 -8.27 -1.59 9.71
C ALA A 234 -8.51 -0.87 11.03
N ILE A 235 -8.71 0.45 10.95
CA ILE A 235 -8.72 1.29 12.14
C ILE A 235 -9.99 2.12 12.21
N ASN A 236 -10.68 2.04 13.35
CA ASN A 236 -11.73 3.01 13.64
C ASN A 236 -11.02 4.26 14.11
N GLU A 237 -11.14 5.32 13.31
CA GLU A 237 -10.33 6.52 13.51
C GLU A 237 -10.70 7.27 14.78
N GLY A 238 -12.00 7.30 15.09
CA GLY A 238 -12.52 7.98 16.28
C GLY A 238 -11.91 7.42 17.56
N ASP A 239 -11.70 6.12 17.55
CA ASP A 239 -11.19 5.45 18.72
C ASP A 239 -9.65 5.35 18.78
N LEU A 240 -9.00 5.39 17.62
CA LEU A 240 -7.55 5.62 17.53
C LEU A 240 -7.19 6.96 18.17
N LEU A 241 -7.97 7.98 17.85
CA LEU A 241 -7.77 9.31 18.41
C LEU A 241 -7.75 9.34 19.93
N THR A 242 -8.81 8.78 20.54
CA THR A 242 -8.94 8.77 21.98
C THR A 242 -7.80 7.96 22.59
N ALA A 243 -7.43 6.86 21.93
CA ALA A 243 -6.27 6.06 22.35
C ALA A 243 -4.98 6.88 22.47
N LEU A 244 -4.73 7.70 21.44
CA LEU A 244 -3.56 8.57 21.37
C LEU A 244 -3.66 9.73 22.36
N ARG A 245 -4.89 10.16 22.64
CA ARG A 245 -5.10 11.27 23.57
C ARG A 245 -4.98 10.88 25.07
N THR A 246 -5.19 9.60 25.37
CA THR A 246 -5.27 9.14 26.77
C THR A 246 -4.17 8.15 27.14
N GLY A 247 -3.09 8.16 26.36
CA GLY A 247 -1.91 7.34 26.66
C GLY A 247 -2.09 5.84 26.48
N LYS A 248 -3.02 5.45 25.61
CA LYS A 248 -3.29 4.05 25.35
C LYS A 248 -2.33 3.49 24.31
N LEU A 249 -1.75 4.40 23.53
CA LEU A 249 -0.84 4.09 22.42
C LEU A 249 0.14 5.25 22.33
N GLY A 250 1.39 4.97 21.94
CA GLY A 250 2.44 6.00 22.01
C GLY A 250 2.34 6.94 20.82
N MET A 251 2.29 6.33 19.64
CA MET A 251 2.27 7.10 18.40
C MET A 251 1.54 6.30 17.36
N ALA A 252 0.99 6.98 16.35
CA ALA A 252 0.45 6.30 15.18
C ALA A 252 1.02 6.93 13.89
N VAL A 253 1.38 6.08 12.93
CA VAL A 253 1.84 6.56 11.60
C VAL A 253 0.89 5.97 10.59
N LEU A 254 0.14 6.82 9.91
CA LEU A 254 -0.90 6.35 9.02
C LEU A 254 -0.68 6.84 7.62
N ASP A 255 -0.60 5.91 6.68
CA ASP A 255 -0.43 6.26 5.26
C ASP A 255 -1.79 6.18 4.53
N VAL A 256 -2.76 5.54 5.18
CA VAL A 256 -4.06 5.24 4.54
C VAL A 256 -5.21 5.58 5.49
N PHE A 257 -6.37 5.88 4.92
CA PHE A 257 -7.45 6.49 5.69
C PHE A 257 -8.81 6.02 5.20
N GLU A 258 -9.79 6.09 6.12
CA GLU A 258 -11.19 5.79 5.79
C GLU A 258 -11.69 6.65 4.61
N GLN A 259 -11.23 7.90 4.55
CA GLN A 259 -11.50 8.80 3.41
C GLN A 259 -10.19 9.42 2.88
N GLU A 260 -9.93 9.26 1.59
CA GLU A 260 -8.80 9.97 0.93
C GLU A 260 -9.14 10.70 -0.38
N PRO A 261 -8.55 11.88 -0.58
CA PRO A 261 -7.63 12.53 0.37
C PRO A 261 -8.29 12.76 1.74
N LEU A 262 -7.49 12.72 2.80
CA LEU A 262 -8.00 13.00 4.13
C LEU A 262 -8.55 14.43 4.11
N PRO A 263 -9.85 14.59 4.40
CA PRO A 263 -10.47 15.94 4.38
C PRO A 263 -9.69 16.90 5.24
N ALA A 264 -9.53 18.13 4.78
CA ALA A 264 -8.83 19.16 5.55
C ALA A 264 -9.52 19.37 6.92
N ASP A 265 -10.74 18.84 7.03
CA ASP A 265 -11.59 18.84 8.23
C ASP A 265 -11.09 17.94 9.35
N SER A 266 -10.44 16.85 8.96
CA SER A 266 -10.16 15.74 9.88
C SER A 266 -9.44 16.16 11.15
N PRO A 267 -9.95 15.71 12.32
CA PRO A 267 -9.30 15.98 13.60
C PRO A 267 -7.94 15.29 13.68
N LEU A 268 -7.73 14.31 12.80
CA LEU A 268 -6.48 13.57 12.70
C LEU A 268 -5.27 14.48 12.49
N TRP A 269 -5.41 15.45 11.57
CA TRP A 269 -4.31 16.36 11.21
C TRP A 269 -3.62 16.94 12.43
N GLY A 270 -4.41 17.43 13.38
CA GLY A 270 -3.92 18.17 14.53
C GLY A 270 -3.35 17.39 15.72
N GLN A 271 -3.58 16.09 15.76
CA GLN A 271 -3.17 15.24 16.88
C GLN A 271 -1.65 15.11 16.97
N PRO A 272 -1.04 15.55 18.10
CA PRO A 272 0.43 15.69 18.20
C PRO A 272 1.25 14.41 17.99
N ASN A 273 0.69 13.25 18.36
CA ASN A 273 1.38 11.98 18.24
C ASN A 273 0.77 11.11 17.15
N LEU A 274 0.28 11.78 16.10
CA LEU A 274 -0.21 11.10 14.93
C LEU A 274 0.59 11.69 13.77
N ILE A 275 1.16 10.83 12.93
CA ILE A 275 1.88 11.29 11.75
C ILE A 275 1.11 10.83 10.52
N ILE A 276 0.99 11.72 9.56
CA ILE A 276 0.18 11.46 8.38
C ILE A 276 1.01 11.57 7.10
N THR A 277 0.91 10.57 6.25
CA THR A 277 1.49 10.66 4.92
C THR A 277 0.40 10.42 3.88
N PRO A 278 0.50 11.09 2.71
CA PRO A 278 -0.62 11.05 1.75
C PRO A 278 -0.63 9.82 0.84
N HIS A 279 -0.82 8.64 1.45
CA HIS A 279 -0.86 7.38 0.73
C HIS A 279 0.27 7.24 -0.29
N ASN A 280 1.51 7.36 0.19
CA ASN A 280 2.67 7.32 -0.70
C ASN A 280 3.82 6.49 -0.11
N SER A 281 3.48 5.57 0.79
CA SER A 281 4.50 4.72 1.44
C SER A 281 5.24 3.83 0.42
N ALA A 282 4.55 3.40 -0.65
CA ALA A 282 5.21 2.54 -1.62
C ALA A 282 4.62 2.78 -3.00
N TYR A 283 5.22 3.74 -3.70
CA TYR A 283 4.83 4.18 -5.04
C TYR A 283 4.99 3.06 -6.03
N SER A 284 4.16 3.06 -7.10
CA SER A 284 4.31 2.06 -8.17
C SER A 284 5.25 2.66 -9.19
N PHE A 285 6.51 2.25 -9.17
CA PHE A 285 7.51 2.85 -10.02
C PHE A 285 7.40 2.29 -11.41
N PRO A 286 7.44 3.16 -12.45
CA PRO A 286 7.06 2.65 -13.78
C PRO A 286 8.00 1.57 -14.28
N ASP A 287 9.29 1.67 -13.98
CA ASP A 287 10.24 0.62 -14.38
C ASP A 287 9.77 -0.75 -13.91
N ASP A 288 9.26 -0.84 -12.68
CA ASP A 288 8.83 -2.15 -12.18
C ASP A 288 7.44 -2.56 -12.66
N VAL A 289 6.56 -1.58 -12.79
CA VAL A 289 5.21 -1.86 -13.30
C VAL A 289 5.29 -2.28 -14.78
N ALA A 290 6.16 -1.64 -15.57
CA ALA A 290 6.27 -1.98 -16.99
C ALA A 290 6.75 -3.41 -17.17
N GLN A 291 7.65 -3.84 -16.27
CA GLN A 291 8.13 -5.21 -16.26
C GLN A 291 6.98 -6.18 -16.00
N ILE A 292 6.08 -5.83 -15.07
CA ILE A 292 4.87 -6.64 -14.79
C ILE A 292 3.97 -6.69 -16.02
N PHE A 293 3.81 -5.54 -16.66
CA PHE A 293 3.00 -5.45 -17.87
C PHE A 293 3.56 -6.33 -18.99
N VAL A 294 4.84 -6.21 -19.29
CA VAL A 294 5.41 -6.99 -20.39
C VAL A 294 5.39 -8.50 -20.13
N ARG A 295 5.64 -8.94 -18.89
CA ARG A 295 5.56 -10.38 -18.58
C ARG A 295 4.11 -10.88 -18.74
N ASN A 296 3.15 -10.08 -18.25
CA ASN A 296 1.74 -10.40 -18.41
C ASN A 296 1.30 -10.35 -19.87
N TYR A 297 1.87 -9.44 -20.65
CA TYR A 297 1.55 -9.34 -22.07
C TYR A 297 1.92 -10.62 -22.82
N ILE A 298 3.13 -11.12 -22.56
CA ILE A 298 3.55 -12.43 -23.13
C ILE A 298 2.59 -13.57 -22.80
N ARG A 299 2.12 -13.66 -21.56
CA ARG A 299 1.13 -14.67 -21.18
C ARG A 299 -0.20 -14.41 -21.89
N PHE A 300 -0.63 -13.15 -21.88
CA PHE A 300 -1.89 -12.78 -22.51
C PHE A 300 -2.04 -13.16 -24.00
N ILE A 301 -1.01 -12.88 -24.80
CA ILE A 301 -1.09 -13.16 -26.24
C ILE A 301 -0.91 -14.65 -26.56
N ASP A 302 -0.48 -15.42 -25.55
CA ASP A 302 -0.42 -16.89 -25.66
C ASP A 302 -1.67 -17.56 -25.07
N GLY A 303 -2.62 -16.76 -24.56
CA GLY A 303 -3.80 -17.32 -23.89
C GLY A 303 -3.57 -17.95 -22.52
N GLN A 304 -2.43 -17.68 -21.91
CA GLN A 304 -2.09 -18.24 -20.60
C GLN A 304 -2.52 -17.38 -19.40
N PRO A 305 -2.67 -18.00 -18.21
CA PRO A 305 -3.17 -17.24 -17.04
C PRO A 305 -2.32 -16.06 -16.68
N LEU A 306 -2.98 -14.93 -16.41
CA LEU A 306 -2.31 -13.70 -15.99
C LEU A 306 -1.98 -13.71 -14.51
N ASP A 307 -0.86 -13.09 -14.18
CA ASP A 307 -0.48 -12.90 -12.78
C ASP A 307 -1.09 -11.61 -12.28
N GLY A 308 -1.46 -11.60 -11.00
CA GLY A 308 -2.05 -10.44 -10.36
C GLY A 308 -3.51 -10.33 -10.74
N LYS A 309 -4.08 -11.44 -11.21
CA LYS A 309 -5.45 -11.43 -11.69
C LYS A 309 -6.40 -11.21 -10.55
N ILE A 310 -7.38 -10.35 -10.78
CA ILE A 310 -8.41 -10.02 -9.80
C ILE A 310 -9.69 -10.80 -10.10
N ASP A 311 -10.19 -11.50 -9.08
CA ASP A 311 -11.45 -12.22 -9.19
C ASP A 311 -12.57 -11.26 -8.83
N PHE A 312 -13.42 -10.95 -9.79
CA PHE A 312 -14.55 -10.04 -9.53
C PHE A 312 -15.50 -10.56 -8.42
N ASP A 313 -15.62 -11.89 -8.32
CA ASP A 313 -16.34 -12.54 -7.21
C ASP A 313 -15.43 -12.83 -6.03
C1 GOL B . 0.64 0.40 -1.91
O1 GOL B . 0.68 1.60 -1.13
C2 GOL B . 0.47 -0.83 -1.01
O2 GOL B . 0.54 -2.02 -1.79
C3 GOL B . -0.82 -0.83 -0.18
O3 GOL B . -1.48 0.42 -0.06
#